data_2HQ8
#
_entry.id   2HQ8
#
_cell.length_a   78.414
_cell.length_b   78.414
_cell.length_c   125.001
_cell.angle_alpha   90.00
_cell.angle_beta   90.00
_cell.angle_gamma   120.00
#
_symmetry.space_group_name_H-M   'P 65'
#
loop_
_entity.id
_entity.type
_entity.pdbx_description
1 polymer 'Coelenterazine-binding protein ca-bound apo form'
2 non-polymer 'CALCIUM ION'
3 water water
#
_entity_poly.entity_id   1
_entity_poly.type   'polypeptide(L)'
_entity_poly.pdbx_seq_one_letter_code
;MPEITESERAYHLRKMKTRMQRVDVTGDGFISREDYELIAVRIAKIAKLSAEKAEETRQEFLRVADQLGLAPGVRISVEE
AAVNATDSLLKMKGEEKAMAVIQSLIMYDCIDTDKDGYVSLPEFKAFLQAVGPDLTDDKAITCFNTLDFNKNGQISRDEF
LVTVNDFLFGLEETALANAFYGDLVD
;
_entity_poly.pdbx_strand_id   A,B
#
# COMPACT_ATOMS: atom_id res chain seq x y z
N ILE A 4 0.07 7.14 -21.52
CA ILE A 4 0.81 5.84 -21.55
C ILE A 4 1.45 5.55 -22.92
N THR A 5 2.78 5.47 -22.96
CA THR A 5 3.51 5.24 -24.22
C THR A 5 3.43 3.79 -24.72
N GLU A 6 3.84 3.56 -25.96
CA GLU A 6 3.94 2.19 -26.50
C GLU A 6 4.97 1.37 -25.71
N SER A 7 6.07 2.00 -25.31
CA SER A 7 7.10 1.30 -24.55
C SER A 7 6.56 0.97 -23.16
N GLU A 8 5.75 1.87 -22.61
CA GLU A 8 5.12 1.66 -21.29
C GLU A 8 4.18 0.47 -21.31
N ARG A 9 3.31 0.44 -22.31
CA ARG A 9 2.38 -0.67 -22.52
C ARG A 9 3.07 -2.01 -22.72
N ALA A 10 4.18 -2.00 -23.47
CA ALA A 10 4.93 -3.23 -23.74
C ALA A 10 5.60 -3.79 -22.51
N TYR A 11 6.13 -2.89 -21.69
CA TYR A 11 6.73 -3.27 -20.41
C TYR A 11 5.67 -3.92 -19.50
N HIS A 12 4.52 -3.27 -19.40
CA HIS A 12 3.42 -3.76 -18.59
C HIS A 12 2.96 -5.15 -19.04
N LEU A 13 2.86 -5.35 -20.35
CA LEU A 13 2.51 -6.67 -20.89
C LEU A 13 3.54 -7.73 -20.53
N ARG A 14 4.82 -7.38 -20.60
CA ARG A 14 5.89 -8.28 -20.19
C ARG A 14 5.70 -8.73 -18.74
N LYS A 15 5.34 -7.78 -17.88
CA LYS A 15 5.04 -8.10 -16.49
C LYS A 15 3.85 -9.06 -16.40
N MET A 16 2.79 -8.80 -17.18
CA MET A 16 1.59 -9.65 -17.13
C MET A 16 1.85 -11.05 -17.67
N LYS A 17 2.65 -11.15 -18.74
CA LYS A 17 3.11 -12.43 -19.27
C LYS A 17 3.92 -13.25 -18.25
N THR A 18 4.80 -12.57 -17.51
CA THR A 18 5.59 -13.21 -16.46
C THR A 18 4.67 -13.80 -15.41
N ARG A 19 3.74 -12.97 -14.89
CA ARG A 19 2.73 -13.40 -13.92
C ARG A 19 2.02 -14.70 -14.42
N MET A 20 1.42 -14.63 -15.61
CA MET A 20 0.64 -15.77 -16.13
C MET A 20 1.51 -17.03 -16.38
N GLN A 21 2.71 -16.84 -16.91
CA GLN A 21 3.61 -17.99 -17.12
C GLN A 21 4.04 -18.64 -15.82
N ARG A 22 4.32 -17.84 -14.79
CA ARG A 22 4.64 -18.37 -13.46
C ARG A 22 3.45 -19.14 -12.83
N VAL A 23 2.25 -18.59 -12.97
CA VAL A 23 1.03 -19.20 -12.42
C VAL A 23 0.74 -20.51 -13.14
N ASP A 24 1.04 -20.55 -14.44
CA ASP A 24 0.87 -21.82 -15.19
C ASP A 24 1.94 -22.87 -14.83
N VAL A 25 1.81 -23.42 -13.63
CA VAL A 25 2.73 -24.47 -13.17
C VAL A 25 2.48 -25.80 -13.85
N THR A 26 1.26 -26.03 -14.33
CA THR A 26 1.01 -27.29 -15.04
C THR A 26 1.64 -27.35 -16.43
N GLY A 27 2.02 -26.19 -16.99
CA GLY A 27 2.74 -26.08 -18.26
C GLY A 27 1.96 -26.39 -19.54
N ASP A 28 0.63 -26.34 -19.45
CA ASP A 28 -0.30 -26.54 -20.59
C ASP A 28 -0.63 -25.27 -21.38
N GLY A 29 -0.11 -24.11 -20.93
CA GLY A 29 -0.32 -22.83 -21.61
C GLY A 29 -1.66 -22.17 -21.24
N PHE A 30 -2.26 -22.70 -20.19
CA PHE A 30 -3.50 -22.17 -19.60
C PHE A 30 -3.36 -21.98 -18.09
N ILE A 31 -4.24 -21.13 -17.57
CA ILE A 31 -4.43 -20.92 -16.14
C ILE A 31 -5.77 -21.58 -15.77
N SER A 32 -5.73 -22.44 -14.75
CA SER A 32 -6.87 -23.19 -14.24
C SER A 32 -6.69 -23.46 -12.74
N ARG A 33 -7.75 -23.97 -12.11
CA ARG A 33 -7.62 -24.26 -10.68
C ARG A 33 -6.55 -25.32 -10.39
N GLU A 34 -6.30 -26.22 -11.34
CA GLU A 34 -5.20 -27.19 -11.26
C GLU A 34 -3.85 -26.53 -10.95
N ASP A 35 -3.60 -25.37 -11.58
CA ASP A 35 -2.39 -24.54 -11.29
C ASP A 35 -2.32 -24.10 -9.82
N TYR A 36 -3.38 -23.46 -9.34
CA TYR A 36 -3.46 -23.08 -7.93
C TYR A 36 -3.26 -24.26 -7.01
N GLU A 37 -3.88 -25.39 -7.33
CA GLU A 37 -3.71 -26.60 -6.49
C GLU A 37 -2.26 -27.07 -6.47
N LEU A 38 -1.65 -27.09 -7.64
CA LEU A 38 -0.26 -27.55 -7.73
C LEU A 38 0.73 -26.63 -7.00
N ILE A 39 0.48 -25.33 -7.04
CA ILE A 39 1.35 -24.36 -6.35
C ILE A 39 1.28 -24.67 -4.85
N ALA A 40 0.07 -24.95 -4.35
CA ALA A 40 -0.13 -25.25 -2.92
C ALA A 40 0.57 -26.57 -2.53
N VAL A 41 0.45 -27.55 -3.42
CA VAL A 41 1.09 -28.84 -3.23
C VAL A 41 2.61 -28.69 -3.21
N ARG A 42 3.14 -27.89 -4.13
CA ARG A 42 4.57 -27.71 -4.22
C ARG A 42 5.08 -26.98 -3.01
N ILE A 43 4.37 -25.91 -2.62
CA ILE A 43 4.73 -25.17 -1.39
C ILE A 43 4.79 -26.15 -0.21
N ALA A 44 3.79 -27.03 -0.07
CA ALA A 44 3.75 -27.99 1.05
C ALA A 44 4.97 -28.93 1.04
N LYS A 45 5.41 -29.32 -0.14
CA LYS A 45 6.62 -30.15 -0.28
C LYS A 45 7.89 -29.34 0.04
N ILE A 46 8.05 -28.19 -0.61
CA ILE A 46 9.26 -27.38 -0.43
C ILE A 46 9.41 -26.99 1.06
N ALA A 47 8.30 -26.57 1.68
CA ALA A 47 8.31 -26.09 3.06
C ALA A 47 8.11 -27.19 4.10
N LYS A 48 8.07 -28.45 3.64
CA LYS A 48 7.87 -29.60 4.52
C LYS A 48 6.75 -29.36 5.55
N LEU A 49 5.62 -28.82 5.11
CA LEU A 49 4.44 -28.63 5.94
C LEU A 49 3.85 -29.95 6.44
N SER A 50 3.31 -29.94 7.65
CA SER A 50 2.55 -31.08 8.17
C SER A 50 1.38 -31.36 7.23
N ALA A 51 0.78 -32.55 7.35
CA ALA A 51 -0.35 -32.92 6.50
C ALA A 51 -1.58 -32.04 6.77
N GLU A 52 -1.73 -31.62 8.03
CA GLU A 52 -2.80 -30.71 8.44
C GLU A 52 -2.62 -29.31 7.81
N LYS A 53 -1.39 -28.78 7.86
CA LYS A 53 -1.10 -27.45 7.30
C LYS A 53 -1.12 -27.50 5.77
N ALA A 54 -0.67 -28.63 5.21
CA ALA A 54 -0.63 -28.81 3.76
C ALA A 54 -2.04 -28.75 3.18
N GLU A 55 -3.00 -29.36 3.86
CA GLU A 55 -4.38 -29.34 3.40
C GLU A 55 -5.06 -27.98 3.58
N GLU A 56 -4.75 -27.28 4.67
CA GLU A 56 -5.26 -25.92 4.88
C GLU A 56 -4.77 -25.00 3.76
N THR A 57 -3.47 -25.13 3.42
CA THR A 57 -2.88 -24.33 2.38
C THR A 57 -3.48 -24.67 1.01
N ARG A 58 -3.64 -25.96 0.73
CA ARG A 58 -4.34 -26.38 -0.50
C ARG A 58 -5.75 -25.78 -0.59
N GLN A 59 -6.49 -25.81 0.51
CA GLN A 59 -7.85 -25.23 0.51
C GLN A 59 -7.82 -23.73 0.28
N GLU A 60 -6.83 -23.04 0.85
CA GLU A 60 -6.73 -21.58 0.68
C GLU A 60 -6.46 -21.23 -0.76
N PHE A 61 -5.55 -21.95 -1.41
CA PHE A 61 -5.25 -21.66 -2.81
C PHE A 61 -6.46 -21.90 -3.70
N LEU A 62 -7.21 -22.96 -3.41
CA LEU A 62 -8.40 -23.28 -4.20
C LEU A 62 -9.47 -22.24 -3.99
N ARG A 63 -9.53 -21.67 -2.77
CA ARG A 63 -10.47 -20.57 -2.50
C ARG A 63 -10.16 -19.36 -3.36
N VAL A 64 -8.87 -19.06 -3.53
CA VAL A 64 -8.44 -17.99 -4.41
C VAL A 64 -8.86 -18.32 -5.85
N ALA A 65 -8.63 -19.57 -6.27
CA ALA A 65 -9.09 -19.99 -7.60
C ALA A 65 -10.59 -19.72 -7.74
N ASP A 66 -11.37 -20.12 -6.75
CA ASP A 66 -12.81 -19.82 -6.73
C ASP A 66 -13.12 -18.33 -6.80
N GLN A 67 -12.40 -17.50 -6.06
CA GLN A 67 -12.66 -16.06 -6.10
C GLN A 67 -12.37 -15.50 -7.49
N LEU A 68 -11.38 -16.09 -8.16
CA LEU A 68 -11.01 -15.66 -9.51
C LEU A 68 -11.91 -16.24 -10.61
N GLY A 69 -12.82 -17.11 -10.23
CA GLY A 69 -13.74 -17.74 -11.18
C GLY A 69 -13.16 -18.94 -11.92
N LEU A 70 -12.15 -19.59 -11.36
CA LEU A 70 -11.54 -20.75 -12.00
C LEU A 70 -12.22 -22.00 -11.48
N ALA A 71 -13.49 -22.14 -11.84
CA ALA A 71 -14.27 -23.30 -11.47
C ALA A 71 -13.71 -24.51 -12.23
N PRO A 72 -14.12 -25.74 -11.83
CA PRO A 72 -13.63 -26.94 -12.50
C PRO A 72 -13.96 -26.86 -13.99
N GLY A 73 -12.98 -27.22 -14.80
CA GLY A 73 -13.14 -27.16 -16.24
C GLY A 73 -12.96 -25.81 -16.90
N VAL A 74 -12.74 -24.75 -16.12
CA VAL A 74 -12.48 -23.43 -16.67
C VAL A 74 -10.96 -23.30 -16.91
N ARG A 75 -10.59 -22.88 -18.12
CA ARG A 75 -9.16 -22.71 -18.47
C ARG A 75 -9.05 -21.45 -19.31
N ILE A 76 -8.18 -20.52 -18.91
CA ILE A 76 -7.91 -19.32 -19.71
C ILE A 76 -6.46 -19.37 -20.20
N SER A 77 -6.25 -19.15 -21.51
CA SER A 77 -4.89 -19.19 -22.09
C SER A 77 -4.01 -18.11 -21.44
N VAL A 78 -2.73 -18.42 -21.26
CA VAL A 78 -1.80 -17.44 -20.66
C VAL A 78 -1.70 -16.17 -21.50
N GLU A 79 -1.82 -16.34 -22.81
CA GLU A 79 -1.91 -15.20 -23.71
C GLU A 79 -3.15 -14.30 -23.43
N GLU A 80 -4.34 -14.90 -23.41
CA GLU A 80 -5.56 -14.13 -23.10
C GLU A 80 -5.46 -13.47 -21.70
N ALA A 81 -5.07 -14.26 -20.72
CA ALA A 81 -4.96 -13.79 -19.33
C ALA A 81 -4.07 -12.55 -19.26
N ALA A 82 -2.92 -12.59 -19.92
CA ALA A 82 -1.95 -11.49 -19.89
C ALA A 82 -2.49 -10.24 -20.60
N VAL A 83 -3.05 -10.43 -21.80
CA VAL A 83 -3.63 -9.32 -22.55
C VAL A 83 -4.79 -8.68 -21.79
N ASN A 84 -5.70 -9.48 -21.27
CA ASN A 84 -6.84 -8.97 -20.53
C ASN A 84 -6.39 -8.24 -19.26
N ALA A 85 -5.32 -8.75 -18.63
CA ALA A 85 -4.77 -8.10 -17.44
C ALA A 85 -4.23 -6.70 -17.78
N THR A 86 -3.35 -6.59 -18.79
CA THR A 86 -2.79 -5.26 -19.12
C THR A 86 -3.92 -4.30 -19.52
N ASP A 87 -4.90 -4.81 -20.25
CA ASP A 87 -5.98 -3.93 -20.68
C ASP A 87 -6.82 -3.39 -19.53
N SER A 88 -7.28 -4.30 -18.68
CA SER A 88 -8.07 -3.97 -17.53
C SER A 88 -7.31 -3.01 -16.59
N LEU A 89 -6.11 -3.44 -16.19
CA LEU A 89 -5.37 -2.74 -15.12
C LEU A 89 -5.00 -1.33 -15.55
N LEU A 90 -4.64 -1.17 -16.82
CA LEU A 90 -4.21 0.14 -17.34
C LEU A 90 -5.36 1.11 -17.61
N LYS A 91 -6.59 0.62 -17.44
CA LYS A 91 -7.79 1.45 -17.55
C LYS A 91 -8.30 1.93 -16.20
N MET A 92 -7.75 1.37 -15.11
CA MET A 92 -8.27 1.62 -13.78
C MET A 92 -7.88 2.99 -13.25
N LYS A 93 -8.85 3.68 -12.65
CA LYS A 93 -8.52 4.92 -11.99
C LYS A 93 -8.25 4.62 -10.50
N GLY A 94 -8.00 5.67 -9.72
CA GLY A 94 -7.51 5.55 -8.35
C GLY A 94 -8.27 4.63 -7.41
N GLU A 95 -9.58 4.81 -7.32
CA GLU A 95 -10.37 4.01 -6.41
C GLU A 95 -10.31 2.52 -6.77
N GLU A 96 -10.41 2.21 -8.05
CA GLU A 96 -10.37 0.82 -8.52
C GLU A 96 -8.97 0.21 -8.35
N LYS A 97 -7.92 1.01 -8.57
CA LYS A 97 -6.53 0.58 -8.28
C LYS A 97 -6.38 0.18 -6.81
N ALA A 98 -6.87 1.04 -5.92
CA ALA A 98 -6.74 0.80 -4.49
C ALA A 98 -7.37 -0.54 -4.11
N MET A 99 -8.54 -0.82 -4.68
CA MET A 99 -9.26 -2.05 -4.39
C MET A 99 -8.52 -3.26 -4.95
N ALA A 100 -7.96 -3.11 -6.15
CA ALA A 100 -7.17 -4.19 -6.77
C ALA A 100 -5.96 -4.57 -5.88
N VAL A 101 -5.37 -3.56 -5.25
CA VAL A 101 -4.19 -3.76 -4.39
C VAL A 101 -4.59 -4.47 -3.07
N ILE A 102 -5.66 -4.00 -2.43
CA ILE A 102 -6.19 -4.68 -1.24
C ILE A 102 -6.49 -6.14 -1.56
N GLN A 103 -7.17 -6.37 -2.68
CA GLN A 103 -7.57 -7.69 -3.12
C GLN A 103 -6.36 -8.61 -3.26
N SER A 104 -5.26 -8.10 -3.80
CA SER A 104 -4.02 -8.89 -3.97
C SER A 104 -3.46 -9.47 -2.66
N LEU A 105 -3.86 -8.91 -1.52
CA LEU A 105 -3.34 -9.34 -0.23
C LEU A 105 -3.87 -10.73 0.18
N ILE A 106 -4.90 -11.20 -0.52
CA ILE A 106 -5.29 -12.58 -0.37
C ILE A 106 -4.12 -13.50 -0.72
N MET A 107 -3.26 -13.09 -1.67
CA MET A 107 -2.09 -13.92 -2.00
C MET A 107 -1.05 -13.91 -0.88
N TYR A 108 -0.89 -12.75 -0.22
CA TYR A 108 0.00 -12.64 0.94
C TYR A 108 -0.38 -13.68 1.98
N ASP A 109 -1.67 -13.75 2.31
CA ASP A 109 -2.18 -14.64 3.33
C ASP A 109 -1.94 -16.10 2.93
N CYS A 110 -2.14 -16.42 1.67
CA CYS A 110 -1.83 -17.78 1.17
C CYS A 110 -0.39 -18.21 1.42
N ILE A 111 0.55 -17.31 1.18
CA ILE A 111 1.99 -17.57 1.29
C ILE A 111 2.41 -17.65 2.76
N ASP A 112 1.67 -16.97 3.62
CA ASP A 112 1.89 -17.00 5.08
C ASP A 112 1.31 -18.30 5.66
N THR A 113 2.06 -19.39 5.51
CA THR A 113 1.56 -20.72 5.85
C THR A 113 1.58 -20.98 7.36
N ASP A 114 2.40 -20.25 8.10
CA ASP A 114 2.32 -20.45 9.58
C ASP A 114 1.36 -19.47 10.27
N LYS A 115 0.72 -18.62 9.47
CA LYS A 115 -0.30 -17.63 9.91
C LYS A 115 0.13 -16.77 11.10
N ASP A 116 1.39 -16.35 11.10
CA ASP A 116 1.88 -15.42 12.11
C ASP A 116 1.69 -13.96 11.65
N GLY A 117 1.18 -13.78 10.42
CA GLY A 117 0.85 -12.48 9.83
C GLY A 117 1.99 -11.82 9.05
N TYR A 118 3.10 -12.54 8.94
CA TYR A 118 4.30 -12.08 8.23
C TYR A 118 4.69 -13.15 7.21
N VAL A 119 5.36 -12.71 6.16
CA VAL A 119 5.93 -13.65 5.18
C VAL A 119 7.43 -13.76 5.43
N SER A 120 7.84 -14.95 5.89
CA SER A 120 9.23 -15.27 6.19
C SER A 120 10.06 -15.57 4.94
N LEU A 121 11.37 -15.71 5.13
CA LEU A 121 12.20 -16.14 4.01
C LEU A 121 11.82 -17.56 3.52
N PRO A 122 11.71 -18.57 4.43
CA PRO A 122 11.22 -19.88 3.99
C PRO A 122 9.88 -19.78 3.20
N GLU A 123 8.91 -18.99 3.70
CA GLU A 123 7.58 -18.91 3.06
C GLU A 123 7.67 -18.29 1.64
N PHE A 124 8.39 -17.17 1.53
CA PHE A 124 8.52 -16.54 0.22
C PHE A 124 9.33 -17.40 -0.75
N LYS A 125 10.37 -18.05 -0.23
CA LYS A 125 11.19 -18.94 -1.08
C LYS A 125 10.38 -20.11 -1.61
N ALA A 126 9.57 -20.73 -0.74
CA ALA A 126 8.69 -21.84 -1.11
C ALA A 126 7.71 -21.41 -2.22
N PHE A 127 7.09 -20.25 -2.04
CA PHE A 127 6.21 -19.70 -3.09
C PHE A 127 6.92 -19.48 -4.41
N LEU A 128 8.05 -18.76 -4.39
CA LEU A 128 8.75 -18.43 -5.63
C LEU A 128 9.23 -19.66 -6.36
N GLN A 129 9.73 -20.64 -5.62
CA GLN A 129 10.23 -21.86 -6.28
C GLN A 129 9.13 -22.83 -6.70
N ALA A 130 7.97 -22.73 -6.05
CA ALA A 130 6.74 -23.44 -6.51
C ALA A 130 6.29 -22.93 -7.91
N VAL A 131 6.27 -21.61 -8.10
CA VAL A 131 5.87 -21.06 -9.40
C VAL A 131 7.01 -21.01 -10.39
N GLY A 132 8.25 -21.07 -9.88
CA GLY A 132 9.45 -20.91 -10.74
C GLY A 132 10.44 -21.96 -10.31
N PRO A 133 10.20 -23.21 -10.71
CA PRO A 133 11.08 -24.30 -10.27
C PRO A 133 12.54 -24.15 -10.67
N ASP A 134 12.79 -23.37 -11.73
CA ASP A 134 14.09 -23.00 -12.27
C ASP A 134 14.82 -21.93 -11.48
N LEU A 135 14.12 -21.27 -10.56
CA LEU A 135 14.74 -20.17 -9.83
C LEU A 135 15.67 -20.71 -8.74
N THR A 136 16.91 -20.23 -8.74
CA THR A 136 17.88 -20.75 -7.77
C THR A 136 17.60 -20.23 -6.38
N ASP A 137 18.12 -20.94 -5.38
CA ASP A 137 18.01 -20.54 -3.97
C ASP A 137 18.54 -19.11 -3.82
N ASP A 138 19.71 -18.83 -4.41
CA ASP A 138 20.35 -17.48 -4.35
C ASP A 138 19.42 -16.42 -4.95
N LYS A 139 18.79 -16.71 -6.09
CA LYS A 139 17.94 -15.72 -6.74
C LYS A 139 16.68 -15.48 -5.92
N ALA A 140 16.17 -16.54 -5.27
CA ALA A 140 14.98 -16.41 -4.44
C ALA A 140 15.30 -15.52 -3.24
N ILE A 141 16.51 -15.67 -2.69
CA ILE A 141 16.94 -14.85 -1.54
C ILE A 141 17.06 -13.40 -1.98
N THR A 142 17.59 -13.20 -3.17
CA THR A 142 17.70 -11.84 -3.75
C THR A 142 16.32 -11.18 -3.89
N CYS A 143 15.33 -11.97 -4.35
CA CYS A 143 13.95 -11.51 -4.49
C CYS A 143 13.36 -11.15 -3.14
N PHE A 144 13.58 -12.02 -2.15
CA PHE A 144 13.12 -11.74 -0.81
C PHE A 144 13.73 -10.44 -0.29
N ASN A 145 15.04 -10.27 -0.47
CA ASN A 145 15.69 -9.06 0.06
C ASN A 145 15.12 -7.80 -0.60
N THR A 146 14.70 -7.92 -1.85
CA THR A 146 14.10 -6.79 -2.55
C THR A 146 12.78 -6.33 -1.92
N LEU A 147 11.92 -7.29 -1.58
CA LEU A 147 10.66 -6.99 -0.90
C LEU A 147 10.86 -6.55 0.56
N ASP A 148 11.96 -6.98 1.18
CA ASP A 148 12.24 -6.67 2.58
C ASP A 148 12.88 -5.29 2.70
N PHE A 149 12.05 -4.26 2.49
CA PHE A 149 12.49 -2.86 2.40
C PHE A 149 13.33 -2.47 3.61
N ASN A 150 12.89 -2.85 4.81
CA ASN A 150 13.62 -2.47 6.02
C ASN A 150 14.69 -3.46 6.47
N LYS A 151 14.89 -4.50 5.68
CA LYS A 151 15.91 -5.52 5.94
C LYS A 151 15.79 -6.14 7.34
N ASN A 152 14.57 -6.33 7.83
CA ASN A 152 14.39 -6.92 9.17
C ASN A 152 14.23 -8.46 9.13
N GLY A 153 14.40 -9.04 7.95
CA GLY A 153 14.24 -10.52 7.80
C GLY A 153 12.82 -11.04 7.60
N GLN A 154 11.83 -10.15 7.48
CA GLN A 154 10.47 -10.57 7.10
C GLN A 154 9.84 -9.60 6.12
N ILE A 155 8.94 -10.11 5.29
CA ILE A 155 8.15 -9.23 4.41
C ILE A 155 6.84 -8.98 5.15
N SER A 156 6.60 -7.74 5.54
CA SER A 156 5.32 -7.39 6.17
C SER A 156 4.28 -7.03 5.10
N ARG A 157 3.02 -6.91 5.52
CA ARG A 157 1.94 -6.60 4.59
C ARG A 157 2.16 -5.26 3.87
N ASP A 158 2.69 -4.24 4.55
CA ASP A 158 3.01 -2.94 3.90
C ASP A 158 4.02 -3.09 2.78
N GLU A 159 5.10 -3.85 3.04
CA GLU A 159 6.11 -4.13 2.01
C GLU A 159 5.53 -4.87 0.80
N PHE A 160 4.74 -5.90 1.08
CA PHE A 160 4.06 -6.63 0.02
C PHE A 160 3.15 -5.73 -0.77
N LEU A 161 2.40 -4.87 -0.07
CA LEU A 161 1.39 -4.00 -0.72
C LEU A 161 2.01 -2.98 -1.66
N VAL A 162 3.04 -2.28 -1.22
CA VAL A 162 3.67 -1.32 -2.10
C VAL A 162 4.31 -2.01 -3.32
N THR A 163 4.83 -3.21 -3.10
CA THR A 163 5.40 -4.00 -4.19
C THR A 163 4.32 -4.40 -5.23
N VAL A 164 3.20 -4.88 -4.72
CA VAL A 164 2.02 -5.27 -5.53
C VAL A 164 1.55 -4.08 -6.35
N ASN A 165 1.48 -2.91 -5.71
CA ASN A 165 1.04 -1.73 -6.42
C ASN A 165 1.93 -1.43 -7.65
N ASP A 166 3.25 -1.51 -7.46
CA ASP A 166 4.15 -1.26 -8.56
C ASP A 166 4.05 -2.37 -9.62
N PHE A 167 3.93 -3.62 -9.15
CA PHE A 167 3.78 -4.73 -10.12
C PHE A 167 2.54 -4.54 -11.02
N LEU A 168 1.40 -4.26 -10.41
CA LEU A 168 0.14 -4.11 -11.18
C LEU A 168 0.03 -2.83 -12.04
N PHE A 169 0.60 -1.73 -11.56
CA PHE A 169 0.34 -0.40 -12.16
C PHE A 169 1.57 0.36 -12.69
N GLY A 170 2.75 -0.08 -12.27
CA GLY A 170 4.03 0.51 -12.69
C GLY A 170 4.22 0.44 -14.20
N LEU A 171 4.75 1.52 -14.77
CA LEU A 171 4.96 1.60 -16.23
C LEU A 171 6.43 1.62 -16.69
N GLU A 172 7.36 1.60 -15.74
CA GLU A 172 8.80 1.55 -16.03
C GLU A 172 9.50 0.51 -15.16
N GLU A 173 10.64 0.01 -15.64
CA GLU A 173 11.43 -1.02 -14.96
C GLU A 173 11.80 -0.70 -13.51
N THR A 174 11.57 -1.65 -12.61
CA THR A 174 12.00 -1.54 -11.20
C THR A 174 12.58 -2.88 -10.73
N ALA A 175 13.44 -2.85 -9.73
CA ALA A 175 13.86 -4.09 -9.05
C ALA A 175 12.66 -4.78 -8.37
N LEU A 176 11.72 -3.97 -7.88
CA LEU A 176 10.52 -4.46 -7.22
C LEU A 176 9.78 -5.45 -8.12
N ALA A 177 9.45 -5.01 -9.33
CA ALA A 177 8.67 -5.83 -10.24
C ALA A 177 9.40 -7.14 -10.62
N ASN A 178 10.74 -7.12 -10.62
CA ASN A 178 11.59 -8.27 -10.96
C ASN A 178 11.64 -9.28 -9.85
N ALA A 179 11.45 -8.81 -8.61
CA ALA A 179 11.58 -9.67 -7.45
C ALA A 179 10.26 -10.36 -7.17
N PHE A 180 9.21 -9.76 -7.71
CA PHE A 180 7.89 -10.14 -7.32
C PHE A 180 7.65 -11.62 -7.63
N TYR A 181 7.97 -12.05 -8.86
CA TYR A 181 7.74 -13.42 -9.37
C TYR A 181 8.88 -14.43 -9.49
N GLY A 182 10.16 -14.03 -9.47
CA GLY A 182 10.63 -12.78 -9.96
C GLY A 182 11.58 -13.06 -11.11
N ASP A 183 11.64 -12.15 -12.07
CA ASP A 183 12.62 -12.18 -13.17
C ASP A 183 11.85 -12.26 -14.48
N LEU A 184 11.68 -11.11 -15.12
CA LEU A 184 10.66 -10.97 -16.16
C LEU A 184 11.01 -11.78 -17.38
N ILE B 4 3.34 14.98 -16.65
CA ILE B 4 2.31 14.85 -17.72
C ILE B 4 1.03 15.59 -17.30
N THR B 5 0.48 16.36 -18.25
CA THR B 5 -0.80 17.11 -18.20
C THR B 5 -0.92 18.27 -17.21
N GLU B 6 -1.27 19.45 -17.75
CA GLU B 6 -1.42 20.65 -16.94
C GLU B 6 -2.61 20.56 -15.98
N SER B 7 -3.71 19.95 -16.44
CA SER B 7 -4.92 19.71 -15.65
C SER B 7 -4.62 18.79 -14.43
N GLU B 8 -3.89 17.71 -14.70
CA GLU B 8 -3.41 16.77 -13.67
C GLU B 8 -2.49 17.48 -12.68
N ARG B 9 -1.59 18.32 -13.19
CA ARG B 9 -0.68 19.08 -12.36
C ARG B 9 -1.43 20.01 -11.41
N ALA B 10 -2.45 20.70 -11.95
CA ALA B 10 -3.31 21.60 -11.19
C ALA B 10 -4.07 20.88 -10.06
N TYR B 11 -4.64 19.72 -10.37
CA TYR B 11 -5.35 18.90 -9.39
C TYR B 11 -4.39 18.45 -8.28
N HIS B 12 -3.19 18.02 -8.66
CA HIS B 12 -2.21 17.53 -7.71
C HIS B 12 -1.78 18.66 -6.76
N LEU B 13 -1.57 19.84 -7.34
CA LEU B 13 -1.28 21.03 -6.54
C LEU B 13 -2.39 21.30 -5.52
N ARG B 14 -3.66 21.18 -5.92
CA ARG B 14 -4.80 21.40 -4.99
N LYS B 15 -4.33 19.21 -4.08
CA LYS B 15 -4.14 18.24 -2.99
C LYS B 15 -3.04 18.66 -2.03
N MET B 16 -1.91 19.07 -2.58
CA MET B 16 -0.76 19.48 -1.78
C MET B 16 -1.05 20.77 -0.96
N LYS B 17 -1.70 21.74 -1.60
CA LYS B 17 -2.20 22.95 -0.91
C LYS B 17 -3.10 22.59 0.28
N THR B 18 -4.03 21.67 0.04
CA THR B 18 -4.97 21.27 1.10
C THR B 18 -4.19 20.67 2.27
N ARG B 19 -3.23 19.77 1.96
CA ARG B 19 -2.38 19.11 2.96
C ARG B 19 -1.63 20.16 3.80
N MET B 20 -0.91 21.04 3.12
CA MET B 20 -0.06 22.05 3.83
C MET B 20 -0.88 23.04 4.66
N GLN B 21 -2.03 23.46 4.15
CA GLN B 21 -2.92 24.35 4.93
C GLN B 21 -3.46 23.69 6.18
N ARG B 22 -3.86 22.44 6.06
CA ARG B 22 -4.31 21.70 7.27
C ARG B 22 -3.20 21.51 8.32
N VAL B 23 -1.99 21.23 7.85
CA VAL B 23 -0.83 21.07 8.73
C VAL B 23 -0.51 22.38 9.45
N ASP B 24 -0.73 23.51 8.78
CA ASP B 24 -0.51 24.83 9.44
C ASP B 24 -1.65 25.20 10.42
N VAL B 25 -1.71 24.48 11.55
CA VAL B 25 -2.71 24.74 12.58
C VAL B 25 -2.47 26.05 13.32
N THR B 26 -1.22 26.51 13.40
CA THR B 26 -1.02 27.80 14.09
C THR B 26 -1.55 28.96 13.25
N GLY B 27 -1.80 28.72 11.98
CA GLY B 27 -2.33 29.74 11.07
C GLY B 27 -1.42 30.89 10.65
N ASP B 28 -0.11 30.71 10.81
CA ASP B 28 0.85 31.78 10.46
C ASP B 28 1.37 31.68 9.03
N GLY B 29 0.87 30.72 8.24
CA GLY B 29 1.27 30.57 6.84
C GLY B 29 2.57 29.82 6.60
N PHE B 30 3.09 29.28 7.68
CA PHE B 30 4.29 28.42 7.70
C PHE B 30 4.03 27.07 8.38
N ILE B 31 4.80 26.08 7.94
CA ILE B 31 4.91 24.80 8.62
C ILE B 31 6.23 24.78 9.41
N SER B 32 6.11 24.47 10.69
CA SER B 32 7.20 24.44 11.65
C SER B 32 6.84 23.42 12.72
N ARG B 33 7.78 23.15 13.59
CA ARG B 33 7.55 22.16 14.65
C ARG B 33 6.41 22.52 15.57
N GLU B 34 6.14 23.82 15.76
CA GLU B 34 5.03 24.29 16.57
C GLU B 34 3.68 23.73 16.09
N ASP B 35 3.52 23.55 14.77
CA ASP B 35 2.28 22.97 14.22
C ASP B 35 2.11 21.52 14.64
N TYR B 36 3.17 20.74 14.51
CA TYR B 36 3.13 19.31 14.89
C TYR B 36 2.77 19.21 16.36
N GLU B 37 3.37 20.09 17.18
CA GLU B 37 3.08 20.10 18.61
C GLU B 37 1.63 20.40 18.92
N LEU B 38 1.08 21.41 18.23
CA LEU B 38 -0.31 21.83 18.46
C LEU B 38 -1.27 20.72 18.06
N ILE B 39 -1.00 20.09 16.91
CA ILE B 39 -1.83 18.94 16.48
C ILE B 39 -1.86 17.86 17.59
N ALA B 40 -0.69 17.55 18.14
CA ALA B 40 -0.59 16.59 19.27
C ALA B 40 -1.37 17.00 20.53
N VAL B 41 -1.26 18.26 20.91
CA VAL B 41 -1.99 18.80 22.06
C VAL B 41 -3.52 18.76 21.85
N ARG B 42 -3.95 19.19 20.67
CA ARG B 42 -5.37 19.10 20.29
C ARG B 42 -5.89 17.69 20.33
N ILE B 43 -5.17 16.74 19.71
CA ILE B 43 -5.58 15.31 19.78
C ILE B 43 -5.65 14.84 21.25
N ALA B 44 -4.62 15.15 22.05
CA ALA B 44 -4.59 14.68 23.45
C ALA B 44 -5.84 15.13 24.24
N LYS B 45 -6.24 16.38 24.04
CA LYS B 45 -7.44 16.95 24.66
C LYS B 45 -8.69 16.19 24.23
N ILE B 46 -8.89 16.09 22.91
CA ILE B 46 -10.04 15.38 22.35
C ILE B 46 -10.12 13.90 22.74
N ALA B 47 -8.99 13.19 22.72
CA ALA B 47 -8.98 11.79 23.10
C ALA B 47 -9.00 11.62 24.62
N LYS B 48 -8.91 12.72 25.36
CA LYS B 48 -8.90 12.68 26.83
C LYS B 48 -7.80 11.76 27.37
N LEU B 49 -6.63 11.87 26.76
CA LEU B 49 -5.50 11.05 27.14
C LEU B 49 -4.98 11.46 28.51
N SER B 50 -4.52 10.47 29.26
CA SER B 50 -3.74 10.70 30.47
C SER B 50 -2.63 11.74 30.21
N ALA B 51 -2.15 12.38 31.27
CA ALA B 51 -0.97 13.26 31.17
C ALA B 51 0.20 12.50 30.55
N GLU B 52 0.36 11.24 30.93
CA GLU B 52 1.41 10.35 30.43
C GLU B 52 1.32 10.11 28.91
N LYS B 53 0.18 9.61 28.44
CA LYS B 53 0.06 9.31 27.00
C LYS B 53 -0.04 10.58 26.17
N ALA B 54 -0.52 11.66 26.78
CA ALA B 54 -0.55 12.98 26.14
C ALA B 54 0.87 13.38 25.78
N GLU B 55 1.80 13.17 26.73
CA GLU B 55 3.19 13.50 26.50
C GLU B 55 3.87 12.54 25.52
N GLU B 56 3.49 11.27 25.55
CA GLU B 56 4.02 10.30 24.59
C GLU B 56 3.58 10.70 23.18
N THR B 57 2.32 11.12 23.02
CA THR B 57 1.83 11.53 21.71
C THR B 57 2.51 12.84 21.25
N ARG B 58 2.67 13.81 22.16
CA ARG B 58 3.41 15.02 21.86
C ARG B 58 4.84 14.68 21.38
N GLN B 59 5.51 13.78 22.10
CA GLN B 59 6.86 13.37 21.70
C GLN B 59 6.91 12.71 20.33
N GLU B 60 5.90 11.91 20.00
CA GLU B 60 5.88 11.19 18.71
C GLU B 60 5.71 12.16 17.55
N PHE B 61 4.80 13.11 17.70
CA PHE B 61 4.63 14.18 16.70
C PHE B 61 5.89 15.04 16.52
N LEU B 62 6.59 15.31 17.61
CA LEU B 62 7.82 16.13 17.49
C LEU B 62 8.95 15.35 16.83
N ARG B 63 8.97 14.03 17.05
CA ARG B 63 9.95 13.16 16.40
C ARG B 63 9.72 13.18 14.88
N VAL B 64 8.45 13.20 14.45
CA VAL B 64 8.11 13.36 13.02
C VAL B 64 8.62 14.74 12.48
N ALA B 65 8.34 15.81 13.20
CA ALA B 65 8.93 17.12 12.86
C ALA B 65 10.46 16.98 12.72
N ASP B 66 11.10 16.32 13.68
CA ASP B 66 12.57 16.09 13.60
C ASP B 66 13.00 15.32 12.37
N GLN B 67 12.25 14.27 12.00
CA GLN B 67 12.54 13.53 10.78
C GLN B 67 12.45 14.42 9.53
N LEU B 68 11.54 15.38 9.57
CA LEU B 68 11.33 16.34 8.48
C LEU B 68 12.33 17.51 8.47
N GLY B 69 13.18 17.56 9.48
CA GLY B 69 14.22 18.59 9.59
C GLY B 69 13.65 19.89 10.09
N LEU B 70 12.49 19.80 10.75
CA LEU B 70 11.86 20.97 11.39
C LEU B 70 12.39 21.25 12.77
N ALA B 71 13.70 21.55 12.82
CA ALA B 71 14.33 21.93 14.07
C ALA B 71 13.78 23.30 14.50
N PRO B 72 14.02 23.70 15.76
CA PRO B 72 13.48 24.98 16.22
C PRO B 72 13.95 26.12 15.31
N GLY B 73 13.05 27.06 15.02
CA GLY B 73 13.28 28.14 14.07
C GLY B 73 13.38 27.77 12.60
N VAL B 74 13.21 26.48 12.27
CA VAL B 74 13.27 26.06 10.89
C VAL B 74 11.84 25.98 10.34
N ARG B 75 11.59 26.62 9.20
CA ARG B 75 10.23 26.64 8.63
C ARG B 75 10.19 26.68 7.11
N ILE B 76 9.03 26.33 6.54
CA ILE B 76 8.78 26.46 5.12
C ILE B 76 7.36 27.00 5.04
N SER B 77 7.13 27.93 4.10
CA SER B 77 5.78 28.48 3.93
C SER B 77 4.83 27.38 3.42
N VAL B 78 3.56 27.50 3.75
CA VAL B 78 2.54 26.57 3.24
C VAL B 78 2.56 26.58 1.73
N GLU B 79 2.65 27.78 1.15
CA GLU B 79 2.67 27.93 -0.30
C GLU B 79 3.88 27.20 -0.93
N GLU B 80 5.08 27.49 -0.44
CA GLU B 80 6.22 26.80 -1.03
C GLU B 80 6.50 25.30 -0.77
N ALA B 81 6.41 24.75 0.44
CA ALA B 81 5.71 23.48 0.80
C ALA B 81 4.90 22.72 -0.25
N ALA B 82 3.79 23.34 -0.65
CA ALA B 82 2.86 22.73 -1.60
C ALA B 82 3.50 22.59 -2.98
N VAL B 83 4.18 23.64 -3.46
CA VAL B 83 4.84 23.54 -4.76
C VAL B 83 5.97 22.51 -4.74
N ASN B 84 6.77 22.52 -3.68
CA ASN B 84 7.87 21.55 -3.54
C ASN B 84 7.34 20.12 -3.52
N ALA B 85 6.25 19.92 -2.81
CA ALA B 85 5.61 18.59 -2.75
C ALA B 85 5.15 18.09 -4.12
N THR B 86 4.46 18.95 -4.87
CA THR B 86 3.86 18.54 -6.13
C THR B 86 4.99 18.26 -7.13
N ASP B 87 5.99 19.14 -7.15
CA ASP B 87 7.12 19.00 -8.05
C ASP B 87 7.90 17.70 -7.76
N SER B 88 8.20 17.43 -6.50
CA SER B 88 9.01 16.27 -6.14
C SER B 88 8.24 14.94 -6.27
N LEU B 89 6.97 14.91 -5.84
CA LEU B 89 6.21 13.66 -5.88
C LEU B 89 5.95 13.22 -7.30
N LEU B 90 5.69 14.19 -8.18
CA LEU B 90 5.36 13.88 -9.56
C LEU B 90 6.57 13.48 -10.40
N LYS B 91 7.77 13.60 -9.82
CA LYS B 91 9.02 13.18 -10.44
C LYS B 91 9.37 11.74 -10.09
N MET B 92 8.81 11.24 -8.98
CA MET B 92 9.25 9.98 -8.40
C MET B 92 8.92 8.80 -9.31
N LYS B 93 9.86 7.86 -9.42
CA LYS B 93 9.55 6.64 -10.13
C LYS B 93 9.17 5.57 -9.10
N GLY B 94 8.98 4.33 -9.56
CA GLY B 94 8.33 3.29 -8.75
C GLY B 94 8.90 3.02 -7.38
N GLU B 95 10.23 2.89 -7.30
CA GLU B 95 10.81 2.44 -6.04
C GLU B 95 10.78 3.57 -5.03
N GLU B 96 11.03 4.79 -5.51
CA GLU B 96 10.96 5.96 -4.64
C GLU B 96 9.50 6.22 -4.17
N LYS B 97 8.54 6.06 -5.07
CA LYS B 97 7.12 6.09 -4.70
C LYS B 97 6.78 5.09 -3.60
N ALA B 98 7.21 3.83 -3.76
CA ALA B 98 6.98 2.79 -2.76
C ALA B 98 7.54 3.17 -1.37
N MET B 99 8.75 3.73 -1.35
CA MET B 99 9.39 4.16 -0.12
C MET B 99 8.63 5.33 0.54
N ALA B 100 8.19 6.32 -0.26
CA ALA B 100 7.34 7.41 0.26
C ALA B 100 6.07 6.90 0.94
N VAL B 101 5.44 5.89 0.37
CA VAL B 101 4.23 5.32 0.92
C VAL B 101 4.48 4.54 2.21
N ILE B 102 5.48 3.64 2.24
CA ILE B 102 5.73 2.96 3.50
C ILE B 102 6.15 3.93 4.63
N GLN B 103 6.87 4.99 4.29
CA GLN B 103 7.30 5.98 5.26
C GLN B 103 6.10 6.69 5.91
N SER B 104 5.02 6.78 5.16
CA SER B 104 3.79 7.43 5.62
C SER B 104 3.16 6.70 6.79
N LEU B 105 3.54 5.45 7.03
CA LEU B 105 2.98 4.81 8.19
C LEU B 105 3.48 5.39 9.51
N ILE B 106 4.52 6.22 9.46
CA ILE B 106 4.89 6.96 10.66
C ILE B 106 3.67 7.85 11.10
N MET B 107 2.96 8.42 10.13
CA MET B 107 1.77 9.23 10.43
C MET B 107 0.61 8.39 10.99
N TYR B 108 0.41 7.20 10.43
CA TYR B 108 -0.56 6.24 10.97
C TYR B 108 -0.31 5.95 12.44
N ASP B 109 0.94 5.64 12.78
CA ASP B 109 1.33 5.36 14.16
C ASP B 109 1.01 6.59 15.03
N CYS B 110 1.26 7.80 14.54
CA CYS B 110 0.97 9.00 15.35
C CYS B 110 -0.47 9.09 15.80
N ILE B 111 -1.37 8.76 14.87
CA ILE B 111 -2.84 8.85 15.04
C ILE B 111 -3.36 7.72 15.90
N ASP B 112 -2.62 6.61 15.90
CA ASP B 112 -3.02 5.43 16.68
C ASP B 112 -2.54 5.66 18.12
N THR B 113 -3.33 6.40 18.88
CA THR B 113 -2.90 6.88 20.18
C THR B 113 -3.04 5.82 21.27
N ASP B 114 -3.91 4.82 21.06
CA ASP B 114 -3.93 3.70 22.03
C ASP B 114 -2.96 2.54 21.68
N LYS B 115 -2.24 2.65 20.55
CA LYS B 115 -1.19 1.70 20.12
C LYS B 115 -1.62 0.23 19.95
N ASP B 116 -2.90 0.02 19.62
CA ASP B 116 -3.41 -1.35 19.30
C ASP B 116 -3.11 -1.75 17.87
N GLY B 117 -2.49 -0.85 17.11
CA GLY B 117 -2.14 -1.11 15.70
C GLY B 117 -3.23 -0.83 14.68
N TYR B 118 -4.36 -0.29 15.13
CA TYR B 118 -5.46 0.11 14.25
C TYR B 118 -5.81 1.58 14.49
N VAL B 119 -6.40 2.22 13.49
CA VAL B 119 -6.84 3.59 13.66
C VAL B 119 -8.37 3.53 13.81
N SER B 120 -8.86 3.87 14.99
CA SER B 120 -10.27 3.80 15.32
C SER B 120 -10.99 5.06 14.79
N LEU B 121 -12.31 5.05 14.87
CA LEU B 121 -13.03 6.25 14.44
C LEU B 121 -12.71 7.43 15.38
N PRO B 122 -12.77 7.21 16.71
CA PRO B 122 -12.35 8.31 17.60
C PRO B 122 -10.97 8.88 17.23
N GLU B 123 -10.02 8.00 16.92
CA GLU B 123 -8.64 8.42 16.66
C GLU B 123 -8.56 9.21 15.37
N PHE B 124 -9.20 8.72 14.32
CA PHE B 124 -9.16 9.44 13.07
C PHE B 124 -9.85 10.79 13.18
N LYS B 125 -11.03 10.80 13.82
CA LYS B 125 -11.82 12.03 13.95
C LYS B 125 -11.03 13.06 14.78
N ALA B 126 -10.40 12.62 15.85
CA ALA B 126 -9.54 13.51 16.70
C ALA B 126 -8.43 14.16 15.83
N PHE B 127 -7.77 13.37 14.99
CA PHE B 127 -6.77 13.91 14.06
C PHE B 127 -7.38 14.90 13.08
N LEU B 128 -8.43 14.47 12.39
CA LEU B 128 -8.99 15.25 11.32
C LEU B 128 -9.48 16.64 11.83
N GLN B 129 -10.10 16.64 13.00
CA GLN B 129 -10.63 17.89 13.57
C GLN B 129 -9.57 18.74 14.28
N ALA B 130 -8.44 18.13 14.61
CA ALA B 130 -7.29 18.90 15.10
C ALA B 130 -6.67 19.70 13.95
N VAL B 131 -6.51 19.09 12.78
CA VAL B 131 -5.94 19.80 11.64
C VAL B 131 -6.99 20.65 10.92
N GLY B 132 -8.25 20.28 11.03
CA GLY B 132 -9.34 20.96 10.34
C GLY B 132 -10.48 21.23 11.30
N PRO B 133 -10.29 22.18 12.24
CA PRO B 133 -11.31 22.47 13.27
C PRO B 133 -12.64 22.95 12.71
N ASP B 134 -12.64 23.36 11.44
CA ASP B 134 -13.84 23.76 10.70
C ASP B 134 -14.67 22.58 10.22
N LEU B 135 -14.10 21.37 10.31
CA LEU B 135 -14.76 20.21 9.72
C LEU B 135 -15.76 19.64 10.72
N THR B 136 -16.99 19.48 10.23
CA THR B 136 -18.09 18.96 11.07
C THR B 136 -17.91 17.49 11.38
N ASP B 137 -18.60 17.02 12.41
CA ASP B 137 -18.61 15.58 12.73
C ASP B 137 -19.02 14.73 11.54
N ASP B 138 -20.01 15.18 10.79
CA ASP B 138 -20.49 14.44 9.62
C ASP B 138 -19.44 14.28 8.53
N LYS B 139 -18.74 15.37 8.22
CA LYS B 139 -17.64 15.32 7.27
C LYS B 139 -16.57 14.35 7.78
N ALA B 140 -16.29 14.39 9.08
CA ALA B 140 -15.18 13.56 9.62
C ALA B 140 -15.56 12.09 9.53
N ILE B 141 -16.86 11.82 9.72
CA ILE B 141 -17.32 10.42 9.68
C ILE B 141 -17.33 9.92 8.23
N THR B 142 -17.73 10.78 7.31
CA THR B 142 -17.67 10.45 5.89
C THR B 142 -16.22 10.18 5.43
N CYS B 143 -15.26 10.98 5.92
CA CYS B 143 -13.83 10.74 5.62
C CYS B 143 -13.37 9.37 6.16
N PHE B 144 -13.77 9.07 7.38
CA PHE B 144 -13.40 7.81 8.01
C PHE B 144 -13.94 6.69 7.16
N ASN B 145 -15.23 6.80 6.78
CA ASN B 145 -15.88 5.70 6.04
C ASN B 145 -15.19 5.44 4.70
N THR B 146 -14.70 6.49 4.05
CA THR B 146 -13.96 6.25 2.81
C THR B 146 -12.62 5.54 3.00
N LEU B 147 -11.92 5.79 4.10
CA LEU B 147 -10.69 5.07 4.41
C LEU B 147 -11.00 3.62 4.83
N ASP B 148 -12.15 3.45 5.50
CA ASP B 148 -12.57 2.14 5.99
C ASP B 148 -13.15 1.31 4.84
N PHE B 149 -12.28 0.84 3.96
CA PHE B 149 -12.71 0.10 2.76
C PHE B 149 -13.64 -1.06 3.06
N ASN B 150 -13.30 -1.90 4.05
CA ASN B 150 -14.13 -3.09 4.35
C ASN B 150 -15.31 -2.82 5.33
N LYS B 151 -15.49 -1.55 5.68
CA LYS B 151 -16.56 -1.11 6.55
C LYS B 151 -16.65 -1.88 7.88
N ASN B 152 -15.50 -2.25 8.44
CA ASN B 152 -15.45 -3.04 9.69
C ASN B 152 -15.24 -2.18 10.91
N GLY B 153 -15.26 -0.88 10.68
CA GLY B 153 -15.26 0.09 11.77
C GLY B 153 -13.89 0.50 12.22
N GLN B 154 -12.83 0.04 11.55
CA GLN B 154 -11.51 0.57 11.84
C GLN B 154 -10.71 0.70 10.57
N ILE B 155 -9.76 1.61 10.60
CA ILE B 155 -8.83 1.76 9.49
C ILE B 155 -7.58 0.93 9.78
N SER B 156 -7.26 0.00 8.89
CA SER B 156 -6.08 -0.85 9.03
C SER B 156 -4.92 -0.25 8.18
N ARG B 157 -3.73 -0.80 8.36
CA ARG B 157 -2.55 -0.27 7.70
C ARG B 157 -2.71 -0.37 6.19
N ASP B 158 -3.28 -1.45 5.70
CA ASP B 158 -3.46 -1.59 4.24
C ASP B 158 -4.40 -0.52 3.64
N GLU B 159 -5.55 -0.32 4.28
CA GLU B 159 -6.48 0.77 3.92
C GLU B 159 -5.80 2.14 3.89
N PHE B 160 -5.07 2.44 4.95
CA PHE B 160 -4.32 3.70 5.04
C PHE B 160 -3.32 3.82 3.90
N LEU B 161 -2.55 2.76 3.67
CA LEU B 161 -1.49 2.80 2.66
C LEU B 161 -2.01 2.98 1.23
N VAL B 162 -3.10 2.31 0.86
CA VAL B 162 -3.62 2.49 -0.50
C VAL B 162 -4.20 3.92 -0.61
N THR B 163 -4.77 4.45 0.47
CA THR B 163 -5.28 5.85 0.41
C THR B 163 -4.14 6.87 0.25
N VAL B 164 -3.07 6.67 1.00
CA VAL B 164 -1.85 7.51 0.91
C VAL B 164 -1.25 7.44 -0.51
N ASN B 165 -1.20 6.25 -1.08
CA ASN B 165 -0.66 6.13 -2.43
C ASN B 165 -1.45 7.00 -3.40
N ASP B 166 -2.78 6.98 -3.30
CA ASP B 166 -3.59 7.82 -4.21
C ASP B 166 -3.44 9.32 -3.88
N PHE B 167 -3.47 9.65 -2.60
CA PHE B 167 -3.26 11.04 -2.20
C PHE B 167 -1.94 11.58 -2.75
N LEU B 168 -0.83 10.84 -2.52
CA LEU B 168 0.48 11.35 -2.97
C LEU B 168 0.73 11.34 -4.48
N PHE B 169 0.17 10.36 -5.19
CA PHE B 169 0.55 10.09 -6.59
C PHE B 169 -0.60 10.11 -7.60
N GLY B 170 -1.84 10.13 -7.12
CA GLY B 170 -3.01 10.15 -7.99
C GLY B 170 -3.11 11.43 -8.80
N LEU B 171 -3.58 11.35 -10.05
CA LEU B 171 -3.61 12.58 -10.90
C LEU B 171 -5.03 13.03 -11.26
N GLU B 172 -6.03 12.35 -10.71
CA GLU B 172 -7.42 12.60 -11.04
C GLU B 172 -8.23 12.53 -9.77
N GLU B 173 -9.32 13.28 -9.73
CA GLU B 173 -10.21 13.38 -8.59
C GLU B 173 -10.67 12.00 -8.11
N THR B 174 -10.54 11.77 -6.80
CA THR B 174 -11.10 10.58 -6.13
C THR B 174 -11.73 10.90 -4.77
N ALA B 175 -12.63 10.02 -4.30
CA ALA B 175 -13.12 10.08 -2.91
C ALA B 175 -11.99 9.96 -1.91
N LEU B 176 -11.07 9.03 -2.18
CA LEU B 176 -9.87 8.77 -1.38
C LEU B 176 -9.09 10.04 -1.05
N ALA B 177 -8.82 10.86 -2.06
CA ALA B 177 -8.00 12.04 -1.87
C ALA B 177 -8.64 13.07 -0.94
N ASN B 178 -9.98 13.06 -0.82
CA ASN B 178 -10.66 13.95 0.15
C ASN B 178 -10.61 13.44 1.61
N ALA B 179 -10.07 12.24 1.82
CA ALA B 179 -10.20 11.56 3.12
C ALA B 179 -9.34 12.08 4.23
N PHE B 180 -8.05 12.36 3.96
CA PHE B 180 -7.11 12.68 5.06
C PHE B 180 -7.18 14.11 5.57
N TYR B 181 -7.62 15.02 4.72
CA TYR B 181 -7.64 16.41 5.10
C TYR B 181 -8.95 17.14 4.80
N GLY B 182 -9.99 16.37 4.52
CA GLY B 182 -11.27 16.97 4.08
C GLY B 182 -11.26 17.40 2.62
N ASP B 183 -12.35 18.01 2.17
CA ASP B 183 -12.49 18.45 0.78
C ASP B 183 -11.32 19.33 0.38
N LEU B 184 -10.97 19.29 -0.89
CA LEU B 184 -9.81 20.00 -1.39
C LEU B 184 -10.08 21.48 -1.60
N VAL B 185 -9.02 22.24 -1.36
CA VAL B 185 -8.94 23.65 -1.67
C VAL B 185 -9.27 23.90 -3.14
#